data_8UA5
#
_entry.id   8UA5
#
_cell.length_a   97.150
_cell.length_b   97.150
_cell.length_c   76.721
_cell.angle_alpha   90.00
_cell.angle_beta   90.00
_cell.angle_gamma   90.00
#
_symmetry.space_group_name_H-M   'P 41 21 2'
#
loop_
_entity.id
_entity.type
_entity.pdbx_description
1 polymer RL2
2 non-polymer 'CHLORIDE ION'
3 non-polymer 'IODIDE ION'
4 non-polymer GLYCEROL
5 water water
#
_entity_poly.entity_id   1
_entity_poly.type   'polypeptide(L)'
_entity_poly.pdbx_seq_one_letter_code
;MHHHHHHSTSVDLGTENLYFQSNAAGGLTRYLPISGVSSVVALSPYVNKTITGDCLPILDMETGNIGAYVVLVDQTGNMA
TRLRAAVPGWSRRTLLPETAGNHVTPPEYPTAPASEWNSLWMTPVGNMLFDQGTLVGALDFRSLRSRHPWSGEQGASTRD
EGKQ
;
_entity_poly.pdbx_strand_id   A,B
#
loop_
_chem_comp.id
_chem_comp.type
_chem_comp.name
_chem_comp.formula
CL non-polymer 'CHLORIDE ION' 'Cl -1'
GOL non-polymer GLYCEROL 'C3 H8 O3'
IOD non-polymer 'IODIDE ION' 'I -1'
#
# COMPACT_ATOMS: atom_id res chain seq x y z
N GLY A 27 6.15 22.16 3.29
CA GLY A 27 6.19 20.97 4.11
C GLY A 27 7.05 19.86 3.51
N LEU A 28 6.98 18.66 4.07
CA LEU A 28 7.86 17.58 3.62
C LEU A 28 7.10 16.34 3.15
N THR A 29 6.71 15.46 4.06
CA THR A 29 6.20 14.15 3.65
C THR A 29 4.81 14.27 3.05
N ARG A 30 4.57 13.50 2.01
CA ARG A 30 3.29 13.45 1.31
C ARG A 30 2.60 12.13 1.61
N TYR A 31 1.26 12.16 1.60
CA TYR A 31 0.47 11.00 1.99
C TYR A 31 -0.65 10.73 0.99
N LEU A 32 -0.85 9.45 0.65
CA LEU A 32 -1.82 9.01 -0.36
C LEU A 32 -2.99 8.27 0.28
N PRO A 33 -4.16 8.87 0.40
CA PRO A 33 -5.32 8.13 0.90
C PRO A 33 -5.58 6.85 0.11
N ILE A 34 -6.06 5.83 0.80
CA ILE A 34 -6.43 4.56 0.19
C ILE A 34 -7.95 4.47 0.23
N SER A 35 -8.55 4.11 -0.88
CA SER A 35 -10.01 4.04 -0.94
C SER A 35 -10.54 2.99 0.02
N GLY A 36 -11.68 3.30 0.64
CA GLY A 36 -12.43 2.34 1.41
C GLY A 36 -11.88 2.06 2.78
N VAL A 37 -10.83 2.77 3.19
CA VAL A 37 -10.27 2.61 4.51
C VAL A 37 -9.75 3.95 4.96
N SER A 38 -9.75 4.15 6.27
CA SER A 38 -9.22 5.38 6.83
C SER A 38 -7.70 5.26 7.00
N SER A 39 -7.00 5.11 5.87
CA SER A 39 -5.56 4.90 5.88
C SER A 39 -4.88 5.66 4.73
N VAL A 40 -3.56 5.83 4.85
CA VAL A 40 -2.75 6.58 3.90
C VAL A 40 -1.38 5.93 3.72
N VAL A 41 -0.90 5.94 2.49
CA VAL A 41 0.48 5.56 2.19
C VAL A 41 1.37 6.75 2.48
N ALA A 42 2.34 6.58 3.38
CA ALA A 42 3.32 7.61 3.70
C ALA A 42 4.50 7.49 2.73
N LEU A 43 4.73 8.53 1.94
CA LEU A 43 5.86 8.51 1.00
C LEU A 43 7.15 8.90 1.72
N SER A 44 7.55 8.04 2.64
CA SER A 44 8.82 8.15 3.36
C SER A 44 9.53 6.81 3.25
N PRO A 45 10.39 6.63 2.26
CA PRO A 45 10.90 5.29 1.98
C PRO A 45 12.00 4.84 2.91
N TYR A 46 11.96 3.55 3.21
CA TYR A 46 13.01 2.84 3.93
C TYR A 46 13.58 1.83 2.94
N VAL A 47 14.79 2.11 2.45
CA VAL A 47 15.29 1.46 1.24
C VAL A 47 15.82 0.06 1.54
N ASN A 48 15.55 -0.87 0.62
CA ASN A 48 16.21 -2.18 0.61
C ASN A 48 16.03 -2.93 1.94
N LYS A 49 14.78 -3.05 2.39
CA LYS A 49 14.46 -3.80 3.59
C LYS A 49 13.80 -5.12 3.19
N THR A 50 13.87 -6.10 4.08
CA THR A 50 13.23 -7.39 3.87
C THR A 50 12.18 -7.59 4.95
N ILE A 51 11.05 -8.20 4.56
CA ILE A 51 9.82 -8.09 5.34
C ILE A 51 8.96 -9.31 5.01
N THR A 52 8.22 -9.80 6.01
CA THR A 52 7.45 -11.04 5.91
C THR A 52 6.01 -10.81 6.34
N GLY A 53 5.07 -11.41 5.62
CA GLY A 53 3.68 -11.23 5.97
C GLY A 53 2.79 -11.59 4.81
N ASP A 54 1.52 -11.21 4.97
CA ASP A 54 0.49 -11.50 3.97
C ASP A 54 0.47 -10.40 2.92
N CYS A 55 0.61 -10.77 1.66
CA CYS A 55 0.92 -9.81 0.60
C CYS A 55 -0.29 -9.59 -0.29
N LEU A 56 -0.66 -8.33 -0.52
CA LEU A 56 -1.72 -7.96 -1.44
C LEU A 56 -1.10 -7.28 -2.65
N PRO A 57 -1.31 -7.78 -3.87
CA PRO A 57 -0.72 -7.12 -5.05
C PRO A 57 -1.28 -5.74 -5.25
N ILE A 58 -0.43 -4.83 -5.77
CA ILE A 58 -0.85 -3.50 -6.20
C ILE A 58 -0.72 -3.45 -7.72
N LEU A 59 -1.85 -3.39 -8.41
CA LEU A 59 -1.88 -3.48 -9.86
C LEU A 59 -1.78 -2.09 -10.46
N ASP A 60 -0.90 -1.93 -11.44
CA ASP A 60 -0.96 -0.78 -12.32
C ASP A 60 -2.06 -1.07 -13.35
N MET A 61 -3.09 -0.21 -13.40
CA MET A 61 -4.28 -0.55 -14.18
C MET A 61 -4.03 -0.45 -15.67
N GLU A 62 -3.15 0.44 -16.10
CA GLU A 62 -2.94 0.61 -17.52
C GLU A 62 -2.01 -0.43 -18.14
N THR A 63 -1.31 -1.24 -17.34
CA THR A 63 -0.33 -2.17 -17.87
C THR A 63 -0.54 -3.58 -17.35
N GLY A 64 -1.09 -3.69 -16.15
CA GLY A 64 -1.14 -4.93 -15.42
C GLY A 64 0.14 -5.31 -14.74
N ASN A 65 1.14 -4.43 -14.74
CA ASN A 65 2.37 -4.68 -13.98
C ASN A 65 2.07 -4.59 -12.48
N ILE A 66 2.78 -5.40 -11.70
CA ILE A 66 2.67 -5.36 -10.24
C ILE A 66 4.00 -4.80 -9.74
N GLY A 67 4.01 -3.51 -9.48
CA GLY A 67 5.22 -2.86 -9.06
C GLY A 67 5.37 -2.76 -7.58
N ALA A 68 4.39 -3.23 -6.83
CA ALA A 68 4.43 -3.08 -5.38
C ALA A 68 3.39 -4.00 -4.76
N TYR A 69 3.61 -4.34 -3.49
CA TYR A 69 2.70 -5.19 -2.73
C TYR A 69 2.41 -4.54 -1.38
N VAL A 70 1.17 -4.63 -0.94
CA VAL A 70 0.87 -4.32 0.45
C VAL A 70 1.24 -5.54 1.27
N VAL A 71 1.98 -5.31 2.35
CA VAL A 71 2.42 -6.39 3.22
C VAL A 71 1.86 -6.09 4.60
N LEU A 72 0.93 -6.94 5.06
CA LEU A 72 0.39 -6.87 6.40
C LEU A 72 1.27 -7.69 7.34
N VAL A 73 1.51 -7.15 8.54
CA VAL A 73 2.42 -7.75 9.50
C VAL A 73 1.75 -8.02 10.83
N ASP A 74 0.48 -7.62 10.99
CA ASP A 74 -0.36 -8.12 12.07
C ASP A 74 -1.82 -8.05 11.60
N GLN A 75 -2.75 -8.31 12.51
CA GLN A 75 -4.16 -8.42 12.17
C GLN A 75 -4.99 -7.27 12.72
N THR A 76 -4.36 -6.24 13.29
CA THR A 76 -5.09 -5.08 13.79
C THR A 76 -4.70 -3.88 12.94
N GLY A 77 -5.72 -3.19 12.46
CA GLY A 77 -5.58 -2.05 11.59
C GLY A 77 -6.78 -1.96 10.67
N ASN A 78 -6.92 -0.80 10.05
CA ASN A 78 -8.05 -0.60 9.14
C ASN A 78 -7.94 -1.52 7.92
N MET A 79 -6.72 -1.77 7.42
CA MET A 79 -6.55 -2.66 6.28
C MET A 79 -6.89 -4.10 6.64
N ALA A 80 -6.48 -4.56 7.84
CA ALA A 80 -6.85 -5.89 8.33
C ALA A 80 -8.35 -6.04 8.44
N THR A 81 -9.02 -5.05 9.04
CA THR A 81 -10.47 -5.08 9.13
C THR A 81 -11.10 -5.23 7.74
N ARG A 82 -10.78 -4.31 6.82
CA ARG A 82 -11.32 -4.39 5.47
C ARG A 82 -11.04 -5.73 4.83
N LEU A 83 -9.84 -6.27 5.02
CA LEU A 83 -9.53 -7.52 4.35
C LEU A 83 -10.34 -8.67 4.92
N ARG A 84 -10.47 -8.73 6.26
CA ARG A 84 -11.35 -9.73 6.88
C ARG A 84 -12.73 -9.70 6.24
N ALA A 85 -13.26 -8.50 5.97
CA ALA A 85 -14.58 -8.38 5.35
C ALA A 85 -14.54 -8.84 3.89
N ALA A 86 -13.46 -8.55 3.16
CA ALA A 86 -13.38 -8.93 1.75
C ALA A 86 -13.09 -10.42 1.59
N VAL A 87 -12.39 -11.02 2.56
CA VAL A 87 -11.82 -12.35 2.43
C VAL A 87 -11.99 -13.06 3.77
N PRO A 88 -13.10 -13.80 3.97
CA PRO A 88 -13.37 -14.36 5.30
C PRO A 88 -12.53 -15.57 5.69
N GLY A 89 -11.95 -16.27 4.72
CA GLY A 89 -10.96 -17.30 5.04
C GLY A 89 -9.65 -16.78 5.59
N TRP A 90 -9.33 -15.50 5.35
CA TRP A 90 -7.99 -15.00 5.69
C TRP A 90 -7.72 -15.11 7.20
N SER A 91 -8.73 -14.77 8.01
CA SER A 91 -8.64 -14.94 9.47
C SER A 91 -8.09 -16.31 9.87
N ARG A 92 -8.57 -17.37 9.22
CA ARG A 92 -8.21 -18.72 9.62
C ARG A 92 -6.89 -19.15 9.01
N ARG A 93 -6.53 -18.60 7.85
CA ARG A 93 -5.35 -19.01 7.11
C ARG A 93 -4.10 -18.25 7.56
N THR A 94 -4.24 -17.04 8.08
CA THR A 94 -3.07 -16.21 8.36
C THR A 94 -2.31 -16.76 9.57
N LEU A 95 -1.00 -16.60 9.52
CA LEU A 95 -0.14 -16.88 10.68
C LEU A 95 0.33 -15.61 11.36
N LEU A 96 -0.21 -14.46 11.02
CA LEU A 96 0.29 -13.24 11.60
C LEU A 96 -0.04 -13.18 13.10
N PRO A 97 0.74 -12.45 13.89
CA PRO A 97 0.28 -12.05 15.22
C PRO A 97 -0.93 -11.10 15.14
N GLU A 98 -1.64 -11.00 16.26
CA GLU A 98 -2.65 -9.96 16.39
C GLU A 98 -2.01 -8.57 16.38
N THR A 99 -0.94 -8.39 17.16
CA THR A 99 -0.13 -7.18 17.13
C THR A 99 1.33 -7.57 16.98
N ALA A 100 2.05 -6.84 16.14
CA ALA A 100 3.46 -7.07 15.94
C ALA A 100 4.32 -5.98 16.54
N GLY A 101 3.72 -4.88 16.96
CA GLY A 101 4.41 -3.85 17.70
C GLY A 101 4.82 -2.64 16.90
N ASN A 102 4.74 -2.67 15.58
CA ASN A 102 5.26 -1.54 14.83
C ASN A 102 4.36 -0.34 14.99
N HIS A 103 4.96 0.84 14.88
CA HIS A 103 4.25 2.05 15.24
C HIS A 103 5.08 3.27 14.84
N VAL A 104 4.41 4.41 14.85
CA VAL A 104 5.03 5.72 14.96
C VAL A 104 4.44 6.38 16.20
N THR A 105 5.28 7.08 16.96
CA THR A 105 4.79 7.71 18.18
C THR A 105 4.07 9.00 17.83
N PRO A 106 2.78 9.12 18.08
CA PRO A 106 2.03 10.31 17.66
C PRO A 106 2.56 11.57 18.32
N PRO A 107 2.76 12.64 17.56
CA PRO A 107 3.29 13.87 18.14
C PRO A 107 2.32 14.45 19.17
N GLU A 108 2.89 15.20 20.10
CA GLU A 108 2.08 15.83 21.13
C GLU A 108 1.28 16.99 20.53
N TYR A 109 0.16 17.28 21.16
CA TYR A 109 -0.69 18.35 20.71
C TYR A 109 -0.04 19.69 21.01
N PRO A 110 -0.39 20.75 20.26
CA PRO A 110 0.16 22.11 20.40
C PRO A 110 -0.24 22.89 21.68
N TRP A 117 -6.38 25.90 19.59
CA TRP A 117 -5.40 26.21 18.55
C TRP A 117 -6.13 26.39 17.20
N ASN A 118 -5.38 26.41 16.10
CA ASN A 118 -5.96 26.35 14.76
C ASN A 118 -4.95 25.60 13.88
N SER A 119 -5.12 24.28 13.81
CA SER A 119 -4.31 23.47 12.93
C SER A 119 -5.20 22.40 12.32
N LEU A 120 -4.62 21.66 11.38
CA LEU A 120 -5.23 20.51 10.73
C LEU A 120 -4.44 19.27 11.13
N TRP A 121 -5.04 18.38 11.92
CA TRP A 121 -4.29 17.38 12.66
C TRP A 121 -4.56 15.99 12.13
N MET A 122 -3.49 15.25 11.91
CA MET A 122 -3.53 13.83 11.65
C MET A 122 -2.73 13.15 12.76
N THR A 123 -3.39 12.30 13.54
CA THR A 123 -2.87 11.79 14.81
C THR A 123 -1.45 11.26 14.71
N PRO A 124 -1.14 10.29 13.84
CA PRO A 124 0.21 9.72 13.82
C PRO A 124 1.32 10.65 13.38
N VAL A 125 1.06 11.86 12.84
CA VAL A 125 2.18 12.65 12.32
C VAL A 125 2.03 14.16 12.55
N GLY A 126 0.85 14.62 12.93
CA GLY A 126 0.68 16.01 13.34
C GLY A 126 0.11 16.91 12.24
N ASN A 127 0.77 18.05 12.01
CA ASN A 127 0.18 19.11 11.23
C ASN A 127 0.15 18.73 9.76
N MET A 128 -0.95 19.08 9.10
CA MET A 128 -1.18 18.72 7.72
C MET A 128 -1.65 19.96 6.98
N LEU A 129 -1.53 19.90 5.65
CA LEU A 129 -2.24 20.84 4.81
C LEU A 129 -2.55 20.16 3.49
N PHE A 130 -3.46 20.80 2.75
CA PHE A 130 -3.85 20.39 1.41
C PHE A 130 -3.15 21.27 0.35
N ASP A 131 -2.50 20.61 -0.61
CA ASP A 131 -1.76 21.27 -1.68
C ASP A 131 -2.30 20.78 -3.02
N GLN A 132 -3.19 21.56 -3.63
CA GLN A 132 -3.82 21.15 -4.87
C GLN A 132 -4.42 19.76 -4.73
N GLY A 133 -5.03 19.50 -3.56
CA GLY A 133 -5.67 18.23 -3.26
C GLY A 133 -4.82 17.24 -2.48
N THR A 134 -3.49 17.32 -2.61
CA THR A 134 -2.60 16.35 -1.99
C THR A 134 -2.38 16.65 -0.50
N LEU A 135 -2.25 15.58 0.29
CA LEU A 135 -2.00 15.72 1.73
C LEU A 135 -0.51 15.90 1.95
N VAL A 136 -0.12 17.01 2.57
CA VAL A 136 1.26 17.25 2.93
C VAL A 136 1.38 17.44 4.43
N GLY A 137 2.33 16.74 5.03
CA GLY A 137 2.67 16.90 6.43
C GLY A 137 3.81 17.88 6.63
N ALA A 138 3.77 18.58 7.77
CA ALA A 138 4.84 19.51 8.14
C ALA A 138 6.16 18.78 8.39
N LEU A 139 6.13 17.65 9.09
CA LEU A 139 7.35 16.93 9.42
C LEU A 139 7.71 15.93 8.32
N ASP A 140 8.97 15.50 8.33
CA ASP A 140 9.37 14.26 7.65
C ASP A 140 9.03 13.08 8.54
N PHE A 141 8.36 12.07 7.98
CA PHE A 141 7.94 10.95 8.79
C PHE A 141 9.13 10.24 9.41
N ARG A 142 10.20 10.07 8.62
CA ARG A 142 11.38 9.34 9.05
C ARG A 142 11.94 9.88 10.35
N SER A 143 11.53 11.08 10.75
CA SER A 143 12.09 11.78 11.90
C SER A 143 11.22 11.69 13.15
N LEU A 144 10.04 11.09 13.09
CA LEU A 144 9.33 10.78 14.31
C LEU A 144 9.90 9.49 14.90
N ARG A 145 9.63 9.26 16.19
CA ARG A 145 10.05 8.02 16.82
C ARG A 145 9.11 6.93 16.35
N SER A 146 9.62 6.01 15.54
CA SER A 146 8.82 4.93 15.01
C SER A 146 9.62 3.64 15.15
N ARG A 147 8.91 2.52 15.05
CA ARG A 147 9.57 1.22 15.03
C ARG A 147 8.92 0.35 13.97
N HIS A 148 9.75 -0.43 13.28
CA HIS A 148 9.28 -1.24 12.16
C HIS A 148 9.91 -2.62 12.29
N PRO A 149 9.56 -3.55 11.42
CA PRO A 149 10.12 -4.90 11.53
C PRO A 149 11.63 -4.98 11.43
N TRP A 150 12.28 -4.06 10.69
CA TRP A 150 13.71 -4.14 10.47
C TRP A 150 14.52 -3.49 11.58
N SER A 151 13.86 -2.77 12.48
CA SER A 151 14.56 -2.20 13.62
C SER A 151 15.00 -3.29 14.59
N GLY B 27 -19.43 -10.49 -6.88
CA GLY B 27 -18.17 -10.97 -7.44
C GLY B 27 -17.18 -11.31 -6.33
N LEU B 28 -15.98 -11.76 -6.72
CA LEU B 28 -15.11 -12.47 -5.80
C LEU B 28 -13.86 -11.72 -5.37
N THR B 29 -13.51 -10.59 -6.01
CA THR B 29 -12.35 -9.82 -5.56
C THR B 29 -12.64 -8.34 -5.50
N ARG B 30 -12.22 -7.73 -4.40
CA ARG B 30 -12.37 -6.31 -4.14
C ARG B 30 -11.03 -5.61 -4.35
N TYR B 31 -11.11 -4.34 -4.77
CA TYR B 31 -9.94 -3.56 -5.15
C TYR B 31 -10.05 -2.14 -4.60
N LEU B 32 -9.00 -1.68 -3.92
CA LEU B 32 -9.00 -0.34 -3.34
C LEU B 32 -8.11 0.57 -4.16
N PRO B 33 -8.66 1.56 -4.88
CA PRO B 33 -7.81 2.57 -5.53
C PRO B 33 -6.94 3.31 -4.53
N ILE B 34 -5.75 3.70 -5.01
CA ILE B 34 -4.79 4.49 -4.26
C ILE B 34 -4.76 5.89 -4.87
N SER B 35 -4.96 6.90 -4.03
CA SER B 35 -5.02 8.27 -4.48
C SER B 35 -3.74 8.66 -5.20
N GLY B 36 -3.91 9.36 -6.33
CA GLY B 36 -2.81 9.94 -7.09
C GLY B 36 -2.14 9.00 -8.07
N VAL B 37 -2.57 7.75 -8.15
CA VAL B 37 -1.95 6.79 -9.06
C VAL B 37 -3.03 5.91 -9.67
N SER B 38 -2.74 5.36 -10.85
CA SER B 38 -3.66 4.47 -11.54
C SER B 38 -3.41 3.03 -11.09
N SER B 39 -3.54 2.84 -9.78
CA SER B 39 -3.16 1.60 -9.14
C SER B 39 -4.22 1.20 -8.12
N VAL B 40 -4.41 -0.11 -7.97
CA VAL B 40 -5.39 -0.64 -7.03
C VAL B 40 -4.76 -1.72 -6.14
N VAL B 41 -5.22 -1.78 -4.89
CA VAL B 41 -4.84 -2.87 -3.99
C VAL B 41 -5.81 -4.03 -4.22
N ALA B 42 -5.32 -5.14 -4.77
CA ALA B 42 -6.12 -6.35 -4.92
C ALA B 42 -6.20 -7.05 -3.56
N LEU B 43 -7.41 -7.12 -2.98
CA LEU B 43 -7.60 -7.82 -1.70
C LEU B 43 -7.67 -9.34 -1.97
N SER B 44 -6.52 -9.88 -2.34
CA SER B 44 -6.39 -11.30 -2.68
C SER B 44 -5.11 -11.78 -2.02
N PRO B 45 -5.19 -12.23 -0.78
CA PRO B 45 -3.98 -12.45 0.00
C PRO B 45 -3.11 -13.55 -0.55
N TYR B 46 -1.80 -13.36 -0.35
CA TYR B 46 -0.80 -14.40 -0.47
C TYR B 46 -0.12 -14.50 0.89
N VAL B 47 -0.38 -15.57 1.63
CA VAL B 47 -0.09 -15.61 3.06
C VAL B 47 1.37 -15.98 3.31
N ASN B 48 1.95 -15.33 4.32
CA ASN B 48 3.29 -15.58 4.85
C ASN B 48 4.36 -15.70 3.76
N LYS B 49 4.50 -14.63 2.98
CA LYS B 49 5.59 -14.51 2.02
C LYS B 49 6.66 -13.53 2.51
N THR B 50 7.86 -13.65 1.96
CA THR B 50 8.95 -12.73 2.24
C THR B 50 9.36 -12.04 0.94
N ILE B 51 9.49 -10.70 0.98
CA ILE B 51 9.95 -9.92 -0.17
C ILE B 51 10.89 -8.81 0.29
N THR B 52 11.66 -8.30 -0.67
CA THR B 52 12.64 -7.24 -0.47
C THR B 52 12.34 -6.05 -1.37
N GLY B 53 12.39 -4.85 -0.81
CA GLY B 53 12.24 -3.65 -1.60
C GLY B 53 12.17 -2.43 -0.70
N ASP B 54 11.64 -1.34 -1.27
CA ASP B 54 11.60 -0.08 -0.57
C ASP B 54 10.24 0.08 0.12
N CYS B 55 10.27 0.33 1.43
CA CYS B 55 9.09 0.17 2.28
C CYS B 55 8.49 1.52 2.64
N LEU B 56 7.18 1.63 2.49
CA LEU B 56 6.44 2.82 2.85
C LEU B 56 5.43 2.47 3.94
N PRO B 57 5.46 3.08 5.13
CA PRO B 57 4.43 2.77 6.14
C PRO B 57 3.04 3.16 5.64
N ILE B 58 2.06 2.30 5.89
CA ILE B 58 0.66 2.65 5.76
C ILE B 58 0.17 3.05 7.14
N LEU B 59 -0.41 4.23 7.26
CA LEU B 59 -0.80 4.79 8.54
C LEU B 59 -2.32 4.82 8.63
N ASP B 60 -2.84 4.54 9.83
CA ASP B 60 -4.25 4.77 10.11
C ASP B 60 -4.41 6.16 10.71
N MET B 61 -5.51 6.83 10.35
CA MET B 61 -5.77 8.18 10.81
C MET B 61 -6.00 8.27 12.32
N GLU B 62 -6.41 7.18 12.95
CA GLU B 62 -6.83 7.19 14.34
C GLU B 62 -5.74 6.82 15.33
N THR B 63 -4.59 6.33 14.85
CA THR B 63 -3.60 5.74 15.73
C THR B 63 -2.23 5.74 15.04
N GLY B 64 -1.19 5.68 15.86
CA GLY B 64 0.18 5.53 15.39
C GLY B 64 0.57 4.11 15.13
N ASN B 65 -0.29 3.16 15.50
CA ASN B 65 0.01 1.76 15.26
C ASN B 65 0.11 1.50 13.76
N ILE B 66 1.10 0.72 13.37
CA ILE B 66 1.35 0.40 11.97
C ILE B 66 1.25 -1.11 11.87
N GLY B 67 0.39 -1.58 10.97
CA GLY B 67 0.30 -3.00 10.75
C GLY B 67 0.50 -3.39 9.31
N ALA B 68 0.84 -2.44 8.44
CA ALA B 68 1.09 -2.77 7.04
C ALA B 68 2.02 -1.74 6.41
N TYR B 69 2.72 -2.19 5.37
CA TYR B 69 3.61 -1.39 4.55
C TYR B 69 3.37 -1.66 3.07
N VAL B 70 3.65 -0.67 2.22
CA VAL B 70 3.82 -0.90 0.78
C VAL B 70 5.28 -1.24 0.52
N VAL B 71 5.52 -2.38 -0.12
CA VAL B 71 6.85 -2.75 -0.61
C VAL B 71 6.92 -2.54 -2.13
N LEU B 72 7.65 -1.51 -2.57
CA LEU B 72 7.96 -1.37 -4.00
C LEU B 72 9.00 -2.39 -4.42
N VAL B 73 8.80 -2.99 -5.60
CA VAL B 73 9.72 -4.02 -6.10
C VAL B 73 10.36 -3.68 -7.44
N ASP B 74 10.04 -2.53 -8.04
CA ASP B 74 10.71 -2.04 -9.24
C ASP B 74 10.53 -0.52 -9.31
N GLN B 75 11.15 0.10 -10.31
CA GLN B 75 11.10 1.56 -10.44
C GLN B 75 10.11 2.04 -11.49
N THR B 76 9.55 1.15 -12.30
CA THR B 76 8.60 1.53 -13.35
C THR B 76 7.14 1.40 -12.93
N GLY B 77 6.85 0.93 -11.72
CA GLY B 77 5.49 0.90 -11.27
C GLY B 77 4.99 2.29 -10.94
N ASN B 78 3.67 2.46 -10.97
CA ASN B 78 3.10 3.77 -10.68
C ASN B 78 3.49 4.25 -9.29
N MET B 79 3.56 3.33 -8.31
CA MET B 79 3.97 3.74 -6.97
C MET B 79 5.38 4.32 -6.99
N ALA B 80 6.30 3.63 -7.66
CA ALA B 80 7.66 4.14 -7.80
C ALA B 80 7.63 5.55 -8.37
N THR B 81 6.85 5.72 -9.43
CA THR B 81 6.82 7.00 -10.15
C THR B 81 6.27 8.12 -9.28
N ARG B 82 5.24 7.84 -8.49
CA ARG B 82 4.72 8.87 -7.61
C ARG B 82 5.75 9.22 -6.55
N LEU B 83 6.51 8.23 -6.07
CA LEU B 83 7.50 8.45 -5.03
C LEU B 83 8.59 9.40 -5.49
N ARG B 84 9.12 9.18 -6.71
CA ARG B 84 10.16 10.05 -7.26
C ARG B 84 9.74 11.51 -7.27
N ALA B 85 8.52 11.77 -7.72
CA ALA B 85 8.02 13.14 -7.71
C ALA B 85 7.99 13.69 -6.29
N ALA B 86 7.62 12.85 -5.32
CA ALA B 86 7.50 13.34 -3.94
C ALA B 86 8.86 13.43 -3.23
N VAL B 87 9.80 12.55 -3.57
CA VAL B 87 11.07 12.45 -2.83
C VAL B 87 12.24 12.40 -3.80
N PRO B 88 12.72 13.55 -4.31
CA PRO B 88 13.66 13.50 -5.44
C PRO B 88 14.94 12.70 -5.18
N GLY B 89 15.40 12.62 -3.92
CA GLY B 89 16.60 11.88 -3.63
C GLY B 89 16.48 10.37 -3.58
N TRP B 90 15.25 9.83 -3.63
CA TRP B 90 15.10 8.40 -3.45
C TRP B 90 15.62 7.62 -4.67
N SER B 91 15.63 8.25 -5.86
CA SER B 91 16.11 7.58 -7.07
C SER B 91 17.56 7.16 -6.96
N ARG B 92 18.38 7.97 -6.28
CA ARG B 92 19.80 7.68 -6.15
C ARG B 92 20.04 6.58 -5.15
N ARG B 93 19.20 6.49 -4.13
CA ARG B 93 19.46 5.57 -3.04
C ARG B 93 18.89 4.18 -3.29
N THR B 94 17.78 4.07 -4.03
CA THR B 94 17.16 2.76 -4.26
C THR B 94 18.10 1.85 -5.04
N LEU B 95 17.99 0.55 -4.76
CA LEU B 95 18.72 -0.48 -5.47
C LEU B 95 17.79 -1.36 -6.29
N LEU B 96 16.52 -0.96 -6.43
CA LEU B 96 15.55 -1.74 -7.18
C LEU B 96 15.89 -1.76 -8.66
N PRO B 97 15.59 -2.87 -9.34
CA PRO B 97 15.65 -2.86 -10.80
C PRO B 97 14.61 -1.93 -11.42
N GLU B 98 14.82 -1.58 -12.68
CA GLU B 98 13.81 -0.83 -13.41
C GLU B 98 12.53 -1.65 -13.53
N THR B 99 12.68 -2.94 -13.79
CA THR B 99 11.55 -3.82 -13.96
C THR B 99 11.75 -5.14 -13.25
N ALA B 100 10.69 -5.59 -12.59
CA ALA B 100 10.56 -6.96 -12.11
C ALA B 100 9.37 -7.59 -12.83
N GLY B 101 9.49 -8.87 -13.11
CA GLY B 101 8.54 -9.50 -13.99
C GLY B 101 7.25 -9.85 -13.31
N ASN B 102 6.93 -9.15 -12.23
CA ASN B 102 5.66 -9.32 -11.55
C ASN B 102 4.59 -8.58 -12.34
N HIS B 103 3.47 -9.24 -12.58
CA HIS B 103 2.41 -8.71 -13.43
C HIS B 103 1.22 -9.64 -13.32
N VAL B 104 0.08 -9.16 -13.80
CA VAL B 104 -1.13 -9.97 -13.92
C VAL B 104 -1.62 -9.92 -15.36
N THR B 105 -2.00 -11.07 -15.87
CA THR B 105 -2.53 -11.24 -17.21
C THR B 105 -4.05 -11.39 -17.18
N PRO B 106 -4.79 -10.62 -17.97
CA PRO B 106 -6.26 -10.75 -18.00
C PRO B 106 -6.70 -11.96 -18.81
N PRO B 107 -8.01 -12.24 -18.84
CA PRO B 107 -8.52 -13.43 -19.53
C PRO B 107 -8.55 -13.29 -21.06
N GLU B 108 -8.74 -14.45 -21.71
CA GLU B 108 -8.98 -14.51 -23.15
C GLU B 108 -10.40 -14.03 -23.48
N ASN B 118 -9.58 1.35 -27.95
CA ASN B 118 -10.19 0.07 -27.64
C ASN B 118 -9.49 -0.58 -26.42
N SER B 119 -8.16 -0.59 -26.45
CA SER B 119 -7.40 -1.23 -25.38
C SER B 119 -7.26 -0.35 -24.15
N LEU B 120 -7.48 0.95 -24.30
CA LEU B 120 -7.42 1.87 -23.18
C LEU B 120 -8.45 1.55 -22.11
N TRP B 121 -9.60 1.04 -22.53
CA TRP B 121 -10.76 0.86 -21.66
C TRP B 121 -10.80 -0.52 -21.05
N MET B 122 -9.82 -1.37 -21.34
CA MET B 122 -9.77 -2.67 -20.70
C MET B 122 -8.98 -2.59 -19.40
N THR B 123 -9.10 -3.65 -18.65
CA THR B 123 -8.59 -3.81 -17.30
C THR B 123 -7.64 -5.00 -17.27
N PRO B 124 -6.64 -4.99 -16.39
CA PRO B 124 -5.73 -6.15 -16.32
C PRO B 124 -6.35 -7.41 -15.69
N VAL B 125 -7.54 -7.31 -15.09
CA VAL B 125 -8.19 -8.43 -14.40
C VAL B 125 -9.53 -8.80 -15.00
N GLY B 126 -9.98 -8.12 -16.02
CA GLY B 126 -11.33 -8.32 -16.52
C GLY B 126 -12.33 -7.31 -15.95
N ASN B 127 -13.60 -7.68 -16.03
CA ASN B 127 -14.68 -6.74 -15.68
C ASN B 127 -14.54 -6.30 -14.23
N MET B 128 -14.63 -4.98 -14.04
CA MET B 128 -14.64 -4.36 -12.72
C MET B 128 -15.75 -3.34 -12.66
N LEU B 129 -16.30 -3.15 -11.47
CA LEU B 129 -17.42 -2.23 -11.27
C LEU B 129 -17.16 -1.38 -10.03
N PHE B 130 -17.51 -0.11 -10.11
CA PHE B 130 -17.46 0.74 -8.95
C PHE B 130 -18.65 0.43 -8.05
N ASP B 131 -18.37 0.17 -6.77
CA ASP B 131 -19.43 -0.07 -5.80
C ASP B 131 -18.97 0.26 -4.40
N GLN B 132 -19.78 1.03 -3.67
CA GLN B 132 -19.63 1.21 -2.24
C GLN B 132 -18.22 1.69 -1.89
N GLY B 133 -17.79 2.70 -2.65
CA GLY B 133 -16.53 3.36 -2.41
C GLY B 133 -15.33 2.61 -2.91
N THR B 134 -15.50 1.44 -3.49
CA THR B 134 -14.36 0.65 -3.94
C THR B 134 -14.69 0.07 -5.31
N LEU B 135 -13.92 -0.94 -5.72
CA LEU B 135 -14.12 -1.67 -6.97
C LEU B 135 -14.27 -3.14 -6.67
N VAL B 136 -15.16 -3.81 -7.38
CA VAL B 136 -15.30 -5.25 -7.30
C VAL B 136 -15.23 -5.82 -8.71
N GLY B 137 -14.50 -6.93 -8.86
CA GLY B 137 -14.34 -7.58 -10.13
C GLY B 137 -15.06 -8.91 -10.15
N ALA B 138 -15.22 -9.46 -11.36
CA ALA B 138 -16.04 -10.63 -11.58
C ALA B 138 -15.29 -11.92 -11.39
N LEU B 139 -14.00 -11.86 -11.17
CA LEU B 139 -13.18 -13.06 -11.07
C LEU B 139 -12.47 -13.05 -9.73
N ASP B 140 -12.06 -14.23 -9.30
CA ASP B 140 -11.12 -14.32 -8.19
C ASP B 140 -9.75 -14.01 -8.76
N PHE B 141 -9.09 -12.99 -8.22
CA PHE B 141 -7.76 -12.66 -8.69
C PHE B 141 -6.89 -13.90 -8.80
N ARG B 142 -6.95 -14.79 -7.79
CA ARG B 142 -6.07 -15.95 -7.78
C ARG B 142 -6.26 -16.84 -9.00
N SER B 143 -7.39 -16.74 -9.70
CA SER B 143 -7.67 -17.58 -10.85
C SER B 143 -6.98 -17.10 -12.13
N LEU B 144 -6.42 -15.91 -12.14
CA LEU B 144 -5.78 -15.38 -13.32
C LEU B 144 -4.30 -15.75 -13.35
N ARG B 145 -3.68 -15.56 -14.51
CA ARG B 145 -2.25 -15.78 -14.63
C ARG B 145 -1.53 -14.59 -14.00
N SER B 146 -0.76 -14.85 -12.94
CA SER B 146 -0.03 -13.82 -12.21
C SER B 146 1.35 -14.36 -11.82
N ARG B 147 2.37 -13.53 -12.04
CA ARG B 147 3.73 -13.79 -11.57
C ARG B 147 4.03 -12.85 -10.43
N HIS B 148 4.66 -13.38 -9.40
CA HIS B 148 5.01 -12.64 -8.20
C HIS B 148 6.44 -12.99 -7.83
N PRO B 149 7.05 -12.22 -6.92
CA PRO B 149 8.43 -12.54 -6.50
C PRO B 149 8.62 -13.95 -5.98
N TRP B 150 7.56 -14.56 -5.42
CA TRP B 150 7.61 -15.93 -4.90
C TRP B 150 7.28 -16.97 -5.96
N SER B 151 7.37 -16.62 -7.24
CA SER B 151 7.12 -17.57 -8.31
C SER B 151 8.45 -18.20 -8.73
CL CL C . 4.64 15.62 -4.95
I IOD D . -15.76 -5.64 1.25
I IOD E . -6.73 -16.38 2.25
C1 GOL F . -2.23 0.43 9.28
O1 GOL F . -0.90 0.10 9.00
C2 GOL F . -3.15 -0.53 8.41
O2 GOL F . -4.48 -0.08 8.34
C3 GOL F . -2.99 -1.92 9.12
O3 GOL F . -4.04 -2.79 8.71
I IOD G . 15.32 8.78 0.38
#